data_3SXF
#
_entry.id   3SXF
#
_cell.length_a   47.446
_cell.length_b   72.238
_cell.length_c   65.815
_cell.angle_alpha   90.000
_cell.angle_beta   99.180
_cell.angle_gamma   90.000
#
_symmetry.space_group_name_H-M   'P 1 21 1'
#
loop_
_entity.id
_entity.type
_entity.pdbx_description
1 polymer 'Calmodulin-domain protein kinase 1'
2 non-polymer 3-(6-ethoxynaphthalen-2-yl)-1-(propan-2-yl)-1H-pyrazolo[3,4-d]pyrimidin-4-amine
3 non-polymer 'DIMETHYL SULFOXIDE'
4 non-polymer 1,2-ETHANEDIOL
5 water water
#
_entity_poly.entity_id   1
_entity_poly.type   'polypeptide(L)'
_entity_poly.pdbx_seq_one_letter_code
;GPGSMMDHLHATPGMFVQHSTAIFSDRYKGQRVLGKGSFGEVILCKDKITGQECAVKVISKRQVKQKTDKESLLREVQLL
KQLDHPNIMKLYEFFEDKGYFYLVGEVYTGGELFDEIISRKRFSEVDAARIIRQVLSGITYMHKNKIVHRDLKPENLLLE
SKSKDANIRIIDFGLSTHFEASKKMKDKIGTAYYIAPEVLHGTYDEKCDVWSTGVILYILLSGCPPFNGANEYDILKKVE
KGKYTFELPQWKKVSESAKDLIRKMLTYVPSMRISARDALDHEWIQTYTKEQISVDVPSLDNAILNIRQFQGTQKLAQAA
LLYMGSKLTSQDETKELTAIFHKMDKNGDGQLDRAELIEGYKELMRMKGQDASMLDASAVEHEVDQVLDAVDFDKNGYIE
YSEFVTVAMDRKTLLSRERLERAFRMFDSDNSGKISSTELATIFGVSDVDSETWKSVLSEVDKNNDGEVDFDEFQQMLLK
LCGN
;
_entity_poly.pdbx_strand_id   A
#
loop_
_chem_comp.id
_chem_comp.type
_chem_comp.name
_chem_comp.formula
BK5 non-polymer 3-(6-ethoxynaphthalen-2-yl)-1-(propan-2-yl)-1H-pyrazolo[3,4-d]pyrimidin-4-amine 'C20 H21 N5 O'
DMS non-polymer 'DIMETHYL SULFOXIDE' 'C2 H6 O S'
EDO non-polymer 1,2-ETHANEDIOL 'C2 H6 O2'
#
# COMPACT_ATOMS: atom_id res chain seq x y z
N ALA A 22 -8.21 -9.18 -29.34
CA ALA A 22 -8.68 -9.24 -27.93
C ALA A 22 -8.51 -7.89 -27.23
N ILE A 23 -9.65 -7.21 -26.99
CA ILE A 23 -9.66 -5.93 -26.28
C ILE A 23 -10.16 -6.13 -24.86
N PHE A 24 -9.55 -5.45 -23.90
CA PHE A 24 -9.88 -5.64 -22.48
C PHE A 24 -11.33 -5.26 -22.19
N SER A 25 -11.75 -4.13 -22.72
CA SER A 25 -13.09 -3.60 -22.48
C SER A 25 -14.19 -4.45 -23.10
N ASP A 26 -13.86 -5.22 -24.13
CA ASP A 26 -14.83 -6.15 -24.73
C ASP A 26 -15.27 -7.22 -23.74
N ARG A 27 -14.35 -7.63 -22.86
CA ARG A 27 -14.59 -8.74 -21.93
C ARG A 27 -14.94 -8.29 -20.50
N TYR A 28 -14.28 -7.23 -20.02
CA TYR A 28 -14.41 -6.81 -18.63
C TYR A 28 -14.99 -5.42 -18.50
N LYS A 29 -15.84 -5.24 -17.49
CA LYS A 29 -16.30 -3.91 -17.09
C LYS A 29 -15.77 -3.60 -15.70
N GLY A 30 -15.33 -2.36 -15.50
CA GLY A 30 -14.92 -1.90 -14.17
C GLY A 30 -16.12 -1.84 -13.25
N GLN A 31 -15.93 -2.28 -12.01
CA GLN A 31 -16.99 -2.26 -10.99
C GLN A 31 -16.65 -1.20 -9.94
N ARG A 32 -15.49 -1.34 -9.33
CA ARG A 32 -15.02 -0.37 -8.33
CA ARG A 32 -15.02 -0.38 -8.33
C ARG A 32 -13.51 -0.46 -8.14
N VAL A 33 -12.90 0.64 -7.70
CA VAL A 33 -11.46 0.67 -7.50
C VAL A 33 -11.09 -0.12 -6.24
N LEU A 34 -10.03 -0.93 -6.33
CA LEU A 34 -9.53 -1.69 -5.19
C LEU A 34 -8.36 -0.97 -4.51
N GLY A 35 -7.61 -0.17 -5.28
CA GLY A 35 -6.52 0.62 -4.72
C GLY A 35 -5.45 0.92 -5.74
N LYS A 36 -4.44 1.67 -5.29
CA LYS A 36 -3.24 1.95 -6.09
C LYS A 36 -2.08 1.21 -5.46
N GLY A 37 -1.83 0.00 -5.96
CA GLY A 37 -0.69 -0.81 -5.54
C GLY A 37 0.55 -0.48 -6.34
N SER A 38 1.52 -1.39 -6.31
CA SER A 38 2.76 -1.20 -7.05
C SER A 38 2.52 -1.23 -8.55
N PHE A 39 3.17 -0.31 -9.27
CA PHE A 39 3.14 -0.23 -10.74
C PHE A 39 1.83 0.28 -11.36
N GLY A 40 0.78 0.48 -10.56
CA GLY A 40 -0.44 1.11 -11.05
C GLY A 40 -1.71 0.78 -10.29
N GLU A 41 -2.83 1.24 -10.83
CA GLU A 41 -4.13 1.06 -10.20
C GLU A 41 -4.59 -0.39 -10.31
N VAL A 42 -5.30 -0.86 -9.28
CA VAL A 42 -5.98 -2.14 -9.32
C VAL A 42 -7.48 -1.90 -9.25
N ILE A 43 -8.18 -2.33 -10.31
CA ILE A 43 -9.62 -2.14 -10.44
C ILE A 43 -10.31 -3.49 -10.34
N LEU A 44 -11.33 -3.55 -9.48
CA LEU A 44 -12.22 -4.72 -9.46
C LEU A 44 -13.07 -4.68 -10.72
N CYS A 45 -13.04 -5.78 -11.47
CA CYS A 45 -13.77 -5.87 -12.72
C CYS A 45 -14.63 -7.12 -12.76
N LYS A 46 -15.61 -7.12 -13.65
CA LYS A 46 -16.50 -8.24 -13.79
C LYS A 46 -16.51 -8.69 -15.24
N ASP A 47 -16.41 -9.99 -15.46
CA ASP A 47 -16.54 -10.57 -16.78
C ASP A 47 -17.95 -10.25 -17.28
N LYS A 48 -18.05 -9.68 -18.48
CA LYS A 48 -19.34 -9.23 -19.03
C LYS A 48 -20.33 -10.36 -19.34
N ILE A 49 -19.83 -11.60 -19.43
CA ILE A 49 -20.65 -12.75 -19.79
C ILE A 49 -20.91 -13.65 -18.59
N THR A 50 -19.84 -14.05 -17.90
CA THR A 50 -19.93 -15.04 -16.83
C THR A 50 -20.19 -14.44 -15.44
N GLY A 51 -20.06 -13.12 -15.31
CA GLY A 51 -20.20 -12.46 -14.01
C GLY A 51 -18.98 -12.57 -13.10
N GLN A 52 -17.99 -13.36 -13.50
CA GLN A 52 -16.78 -13.61 -12.72
C GLN A 52 -16.08 -12.30 -12.33
N GLU A 53 -15.88 -12.10 -11.02
CA GLU A 53 -15.16 -10.93 -10.51
C GLU A 53 -13.65 -11.20 -10.53
N CYS A 54 -12.87 -10.15 -10.78
CA CYS A 54 -11.42 -10.26 -10.83
C CYS A 54 -10.76 -8.94 -10.46
N ALA A 55 -9.50 -9.00 -10.07
CA ALA A 55 -8.72 -7.81 -9.74
C ALA A 55 -7.71 -7.57 -10.85
N VAL A 56 -7.85 -6.45 -11.53
CA VAL A 56 -7.04 -6.15 -12.70
C VAL A 56 -6.06 -5.05 -12.36
N LYS A 57 -4.77 -5.35 -12.46
CA LYS A 57 -3.73 -4.35 -12.28
C LYS A 57 -3.47 -3.71 -13.63
N VAL A 58 -3.59 -2.39 -13.68
CA VAL A 58 -3.42 -1.64 -14.92
C VAL A 58 -2.11 -0.86 -14.84
N ILE A 59 -1.18 -1.20 -15.72
CA ILE A 59 0.13 -0.57 -15.75
C ILE A 59 0.22 0.34 -16.97
N SER A 60 0.43 1.64 -16.73
CA SER A 60 0.57 2.63 -17.79
C SER A 60 1.95 2.55 -18.39
N LYS A 61 2.02 2.22 -19.69
CA LYS A 61 3.29 2.16 -20.41
C LYS A 61 4.05 3.50 -20.40
N ARG A 62 3.29 4.61 -20.30
CA ARG A 62 3.85 5.96 -20.26
C ARG A 62 4.41 6.29 -18.87
N GLN A 63 3.59 6.07 -17.85
CA GLN A 63 3.95 6.37 -16.47
C GLN A 63 5.01 5.39 -15.93
N VAL A 64 4.91 4.12 -16.33
CA VAL A 64 5.86 3.09 -15.91
C VAL A 64 6.74 2.63 -17.07
N LYS A 65 8.05 2.80 -16.92
CA LYS A 65 9.03 2.32 -17.89
C LYS A 65 9.10 0.79 -17.86
N GLN A 66 9.59 0.18 -18.94
CA GLN A 66 9.78 -1.26 -19.02
C GLN A 66 11.27 -1.61 -19.04
N LYS A 67 11.64 -2.70 -18.37
CA LYS A 67 13.04 -3.10 -18.22
C LYS A 67 13.52 -3.99 -19.36
N THR A 68 12.75 -5.03 -19.65
CA THR A 68 13.12 -6.05 -20.64
C THR A 68 12.49 -5.76 -22.00
N ASP A 69 12.85 -6.56 -23.01
CA ASP A 69 12.16 -6.53 -24.29
C ASP A 69 10.75 -7.13 -24.13
N LYS A 70 9.89 -6.87 -25.09
CA LYS A 70 8.50 -7.33 -25.01
C LYS A 70 8.39 -8.85 -25.03
N GLU A 71 9.23 -9.50 -25.83
CA GLU A 71 9.20 -10.95 -25.96
C GLU A 71 9.36 -11.61 -24.59
N SER A 72 10.36 -11.16 -23.84
CA SER A 72 10.61 -11.66 -22.48
C SER A 72 9.42 -11.42 -21.56
N LEU A 73 8.82 -10.23 -21.62
CA LEU A 73 7.65 -9.93 -20.80
C LEU A 73 6.49 -10.88 -21.14
N LEU A 74 6.21 -11.04 -22.43
CA LEU A 74 5.12 -11.93 -22.87
C LEU A 74 5.35 -13.37 -22.43
N ARG A 75 6.58 -13.85 -22.52
CA ARG A 75 6.89 -15.21 -22.09
C ARG A 75 6.68 -15.41 -20.60
N GLU A 76 7.18 -14.47 -19.79
CA GLU A 76 7.00 -14.58 -18.36
C GLU A 76 5.51 -14.59 -17.99
N VAL A 77 4.75 -13.73 -18.66
CA VAL A 77 3.31 -13.65 -18.43
C VAL A 77 2.60 -14.97 -18.74
N GLN A 78 2.96 -15.60 -19.87
CA GLN A 78 2.35 -16.87 -20.25
C GLN A 78 2.74 -17.99 -19.27
N LEU A 79 3.96 -17.94 -18.77
CA LEU A 79 4.40 -18.87 -17.73
C LEU A 79 3.54 -18.71 -16.46
N LEU A 80 3.37 -17.46 -16.02
CA LEU A 80 2.60 -17.17 -14.81
C LEU A 80 1.16 -17.69 -14.87
N LYS A 81 0.55 -17.63 -16.05
CA LYS A 81 -0.80 -18.18 -16.25
C LYS A 81 -0.87 -19.68 -16.02
N GLN A 82 0.25 -20.38 -16.21
CA GLN A 82 0.31 -21.83 -16.07
C GLN A 82 0.71 -22.28 -14.67
N LEU A 83 1.16 -21.34 -13.84
CA LEU A 83 1.57 -21.66 -12.48
C LEU A 83 0.38 -21.54 -11.53
N ASP A 84 0.30 -22.47 -10.58
CA ASP A 84 -0.78 -22.50 -9.60
C ASP A 84 -0.18 -22.90 -8.26
N HIS A 85 -0.44 -22.09 -7.23
CA HIS A 85 0.00 -22.38 -5.88
C HIS A 85 -0.93 -21.62 -4.94
N PRO A 86 -1.36 -22.26 -3.85
CA PRO A 86 -2.38 -21.64 -2.99
C PRO A 86 -1.92 -20.37 -2.23
N ASN A 87 -0.62 -20.08 -2.23
CA ASN A 87 -0.11 -18.86 -1.61
C ASN A 87 0.41 -17.83 -2.62
N ILE A 88 0.14 -18.04 -3.90
CA ILE A 88 0.51 -17.08 -4.93
C ILE A 88 -0.77 -16.61 -5.62
N MET A 89 -0.90 -15.29 -5.81
CA MET A 89 -2.04 -14.75 -6.55
C MET A 89 -2.17 -15.44 -7.90
N LYS A 90 -3.38 -15.92 -8.20
CA LYS A 90 -3.65 -16.60 -9.48
C LYS A 90 -3.81 -15.56 -10.58
N LEU A 91 -2.98 -15.68 -11.62
CA LEU A 91 -3.10 -14.86 -12.81
C LEU A 91 -3.94 -15.60 -13.85
N TYR A 92 -4.97 -14.93 -14.36
CA TYR A 92 -5.87 -15.53 -15.35
C TYR A 92 -5.52 -15.13 -16.76
N GLU A 93 -5.33 -13.83 -16.98
CA GLU A 93 -5.25 -13.29 -18.35
C GLU A 93 -4.42 -12.02 -18.40
N PHE A 94 -4.00 -11.67 -19.61
CA PHE A 94 -3.19 -10.50 -19.89
C PHE A 94 -3.71 -9.82 -21.16
N PHE A 95 -3.85 -8.50 -21.13
CA PHE A 95 -4.21 -7.72 -22.30
C PHE A 95 -3.24 -6.56 -22.47
N GLU A 96 -3.21 -6.00 -23.67
CA GLU A 96 -2.37 -4.86 -23.96
C GLU A 96 -3.00 -3.99 -25.05
N ASP A 97 -2.99 -2.68 -24.84
CA ASP A 97 -3.33 -1.72 -25.90
C ASP A 97 -2.17 -0.73 -26.04
N LYS A 98 -2.40 0.37 -26.76
CA LYS A 98 -1.34 1.34 -27.04
C LYS A 98 -0.73 1.94 -25.77
N GLY A 99 -1.57 2.16 -24.75
CA GLY A 99 -1.14 2.82 -23.52
C GLY A 99 -0.88 1.92 -22.31
N TYR A 100 -1.47 0.73 -22.28
CA TYR A 100 -1.55 -0.03 -21.03
C TYR A 100 -1.31 -1.53 -21.15
N PHE A 101 -0.93 -2.12 -20.02
CA PHE A 101 -0.99 -3.55 -19.79
C PHE A 101 -2.11 -3.78 -18.79
N TYR A 102 -2.91 -4.83 -19.00
CA TYR A 102 -3.98 -5.18 -18.07
C TYR A 102 -3.74 -6.61 -17.58
N LEU A 103 -3.41 -6.76 -16.31
CA LEU A 103 -3.11 -8.05 -15.70
C LEU A 103 -4.31 -8.50 -14.88
N VAL A 104 -4.99 -9.55 -15.34
CA VAL A 104 -6.24 -10.00 -14.73
C VAL A 104 -5.97 -11.11 -13.74
N GLY A 105 -6.06 -10.77 -12.45
CA GLY A 105 -5.80 -11.70 -11.36
C GLY A 105 -7.05 -12.02 -10.54
N GLU A 106 -6.93 -13.06 -9.71
CA GLU A 106 -7.98 -13.43 -8.77
C GLU A 106 -8.08 -12.36 -7.69
N VAL A 107 -9.31 -12.00 -7.32
CA VAL A 107 -9.54 -10.99 -6.28
C VAL A 107 -9.59 -11.66 -4.92
N TYR A 108 -8.89 -11.08 -3.95
CA TYR A 108 -8.93 -11.56 -2.56
C TYR A 108 -9.47 -10.45 -1.67
N THR A 109 -10.35 -10.82 -0.75
CA THR A 109 -11.16 -9.84 -0.01
C THR A 109 -10.75 -9.69 1.46
N GLY A 110 -9.72 -10.41 1.88
CA GLY A 110 -9.29 -10.43 3.28
C GLY A 110 -8.39 -9.28 3.71
N GLY A 111 -7.97 -8.44 2.76
CA GLY A 111 -7.10 -7.31 3.05
C GLY A 111 -5.65 -7.69 3.30
N GLU A 112 -4.88 -6.72 3.77
CA GLU A 112 -3.45 -6.91 4.01
C GLU A 112 -3.23 -7.62 5.34
N LEU A 113 -2.29 -8.58 5.36
CA LEU A 113 -2.03 -9.40 6.56
C LEU A 113 -1.91 -8.55 7.83
N PHE A 114 -1.06 -7.54 7.82
CA PHE A 114 -0.80 -6.74 9.02
C PHE A 114 -2.05 -6.02 9.55
N ASP A 115 -2.95 -5.61 8.66
CA ASP A 115 -4.19 -4.93 9.03
C ASP A 115 -5.14 -5.88 9.77
N GLU A 116 -4.99 -7.18 9.53
CA GLU A 116 -5.66 -8.20 10.32
C GLU A 116 -4.93 -8.40 11.65
N ILE A 117 -3.62 -8.56 11.58
CA ILE A 117 -2.82 -8.87 12.77
C ILE A 117 -3.04 -7.86 13.90
N ILE A 118 -3.09 -6.57 13.55
CA ILE A 118 -3.27 -5.52 14.55
C ILE A 118 -4.60 -5.55 15.30
N SER A 119 -5.61 -6.23 14.75
CA SER A 119 -6.91 -6.38 15.40
C SER A 119 -6.94 -7.55 16.37
N ARG A 120 -5.96 -8.45 16.28
CA ARG A 120 -5.93 -9.64 17.14
C ARG A 120 -5.56 -9.29 18.57
N LYS A 121 -6.11 -10.05 19.51
CA LYS A 121 -5.84 -9.86 20.93
C LYS A 121 -4.63 -10.69 21.35
N ARG A 122 -4.48 -11.88 20.77
CA ARG A 122 -3.33 -12.76 21.04
C ARG A 122 -2.54 -13.08 19.78
N PHE A 123 -1.22 -13.23 19.93
CA PHE A 123 -0.31 -13.58 18.83
C PHE A 123 0.92 -14.31 19.39
N SER A 124 1.19 -15.51 18.88
CA SER A 124 2.28 -16.36 19.40
C SER A 124 3.28 -16.70 18.31
N GLU A 125 4.33 -17.43 18.70
CA GLU A 125 5.32 -17.94 17.73
C GLU A 125 4.68 -18.90 16.73
N VAL A 126 3.66 -19.62 17.18
CA VAL A 126 2.93 -20.54 16.32
C VAL A 126 2.20 -19.79 15.21
N ASP A 127 1.61 -18.64 15.55
CA ASP A 127 0.89 -17.82 14.59
C ASP A 127 1.88 -17.26 13.57
N ALA A 128 2.99 -16.73 14.06
CA ALA A 128 4.06 -16.22 13.20
C ALA A 128 4.61 -17.30 12.28
N ALA A 129 4.78 -18.51 12.80
CA ALA A 129 5.34 -19.62 12.04
C ALA A 129 4.40 -20.07 10.93
N ARG A 130 3.10 -20.09 11.21
CA ARG A 130 2.10 -20.46 10.21
C ARG A 130 2.11 -19.47 9.05
N ILE A 131 2.18 -18.18 9.39
CA ILE A 131 2.25 -17.11 8.40
C ILE A 131 3.48 -17.26 7.51
N ILE A 132 4.64 -17.43 8.14
CA ILE A 132 5.91 -17.50 7.40
C ILE A 132 6.05 -18.78 6.59
N ARG A 133 5.45 -19.87 7.07
CA ARG A 133 5.47 -21.13 6.32
C ARG A 133 4.73 -21.00 4.98
N GLN A 134 3.65 -20.22 4.97
CA GLN A 134 2.89 -19.98 3.74
C GLN A 134 3.69 -19.12 2.77
N VAL A 135 4.33 -18.08 3.30
CA VAL A 135 5.12 -17.19 2.47
C VAL A 135 6.28 -17.97 1.84
N LEU A 136 6.99 -18.74 2.66
CA LEU A 136 8.09 -19.57 2.19
C LEU A 136 7.66 -20.65 1.19
N SER A 137 6.44 -21.17 1.35
CA SER A 137 5.91 -22.14 0.38
C SER A 137 5.67 -21.50 -0.99
N GLY A 138 5.01 -20.34 -0.99
CA GLY A 138 4.77 -19.60 -2.22
C GLY A 138 6.06 -19.22 -2.93
N ILE A 139 7.00 -18.69 -2.16
CA ILE A 139 8.30 -18.27 -2.69
C ILE A 139 9.08 -19.46 -3.27
N THR A 140 9.14 -20.55 -2.51
CA THR A 140 9.86 -21.74 -2.95
C THR A 140 9.37 -22.18 -4.34
N TYR A 141 8.06 -22.24 -4.51
CA TYR A 141 7.46 -22.61 -5.79
C TYR A 141 7.82 -21.65 -6.92
N MET A 142 7.74 -20.34 -6.66
CA MET A 142 8.12 -19.35 -7.67
C MET A 142 9.59 -19.43 -8.03
N HIS A 143 10.44 -19.70 -7.03
CA HIS A 143 11.86 -19.84 -7.25
C HIS A 143 12.20 -21.06 -8.09
N LYS A 144 11.46 -22.16 -7.90
CA LYS A 144 11.58 -23.35 -8.76
C LYS A 144 11.36 -23.02 -10.23
N ASN A 145 10.49 -22.04 -10.48
CA ASN A 145 10.21 -21.56 -11.84
C ASN A 145 11.00 -20.31 -12.21
N LYS A 146 12.03 -20.01 -11.42
CA LYS A 146 12.96 -18.91 -11.68
C LYS A 146 12.30 -17.52 -11.69
N ILE A 147 11.24 -17.37 -10.89
CA ILE A 147 10.58 -16.08 -10.75
C ILE A 147 10.96 -15.50 -9.40
N VAL A 148 11.45 -14.26 -9.42
CA VAL A 148 11.91 -13.57 -8.24
C VAL A 148 10.96 -12.39 -7.97
N HIS A 149 10.66 -12.11 -6.70
CA HIS A 149 9.78 -10.98 -6.38
C HIS A 149 10.57 -9.68 -6.30
N ARG A 150 11.57 -9.66 -5.41
CA ARG A 150 12.44 -8.52 -5.13
C ARG A 150 11.85 -7.47 -4.15
N ASP A 151 10.55 -7.21 -4.27
CA ASP A 151 9.90 -6.16 -3.48
C ASP A 151 8.92 -6.75 -2.49
N LEU A 152 9.28 -7.90 -1.93
CA LEU A 152 8.41 -8.55 -0.96
C LEU A 152 8.34 -7.70 0.31
N LYS A 153 7.12 -7.42 0.76
CA LYS A 153 6.86 -6.68 1.99
C LYS A 153 5.44 -6.97 2.48
N PRO A 154 5.07 -6.54 3.68
CA PRO A 154 3.74 -6.85 4.24
C PRO A 154 2.58 -6.52 3.32
N GLU A 155 2.62 -5.34 2.68
CA GLU A 155 1.64 -4.93 1.67
C GLU A 155 1.35 -6.01 0.64
N ASN A 156 2.36 -6.82 0.31
CA ASN A 156 2.24 -7.85 -0.74
C ASN A 156 1.67 -9.17 -0.23
N LEU A 157 1.28 -9.21 1.04
CA LEU A 157 0.67 -10.39 1.63
C LEU A 157 -0.79 -10.10 1.89
N LEU A 158 -1.64 -10.64 1.01
CA LEU A 158 -3.07 -10.43 1.10
C LEU A 158 -3.71 -11.67 1.70
N LEU A 159 -4.89 -11.50 2.28
CA LEU A 159 -5.61 -12.60 2.87
C LEU A 159 -6.85 -12.90 2.01
N GLU A 160 -7.23 -14.17 1.93
CA GLU A 160 -8.45 -14.56 1.22
C GLU A 160 -9.69 -14.09 1.97
N SER A 161 -9.64 -14.12 3.30
CA SER A 161 -10.68 -13.52 4.15
C SER A 161 -10.05 -12.87 5.39
N LYS A 162 -10.72 -11.86 5.95
CA LYS A 162 -10.19 -11.13 7.11
C LYS A 162 -10.35 -11.93 8.41
N SER A 163 -9.42 -12.86 8.61
CA SER A 163 -9.38 -13.69 9.80
C SER A 163 -8.00 -14.34 9.89
N LYS A 164 -7.60 -14.70 11.11
CA LYS A 164 -6.31 -15.36 11.32
C LYS A 164 -6.26 -16.78 10.73
N ASP A 165 -7.44 -17.34 10.43
CA ASP A 165 -7.55 -18.67 9.81
C ASP A 165 -7.33 -18.64 8.28
N ALA A 166 -7.20 -17.45 7.69
CA ALA A 166 -7.24 -17.32 6.23
C ALA A 166 -5.90 -17.58 5.57
N ASN A 167 -5.94 -18.08 4.33
CA ASN A 167 -4.72 -18.30 3.54
C ASN A 167 -4.13 -16.98 3.04
N ILE A 168 -2.81 -16.96 2.93
CA ILE A 168 -2.07 -15.80 2.45
C ILE A 168 -1.80 -15.97 0.95
N ARG A 169 -2.02 -14.91 0.20
CA ARG A 169 -1.70 -14.88 -1.21
C ARG A 169 -0.68 -13.80 -1.45
N ILE A 170 0.45 -14.16 -2.03
CA ILE A 170 1.47 -13.18 -2.37
C ILE A 170 1.13 -12.53 -3.70
N ILE A 171 1.13 -11.20 -3.72
CA ILE A 171 0.91 -10.42 -4.93
C ILE A 171 2.21 -9.77 -5.41
N ASP A 172 2.28 -9.52 -6.72
CA ASP A 172 3.36 -8.83 -7.43
C ASP A 172 4.60 -9.66 -7.84
N PHE A 173 4.54 -10.98 -7.71
CA PHE A 173 5.61 -11.82 -8.28
C PHE A 173 5.75 -11.55 -9.76
N GLY A 174 6.98 -11.35 -10.21
CA GLY A 174 7.28 -11.22 -11.63
C GLY A 174 7.39 -9.81 -12.15
N LEU A 175 6.80 -8.83 -11.46
CA LEU A 175 6.71 -7.48 -12.01
C LEU A 175 8.03 -6.70 -11.99
N SER A 176 8.82 -6.88 -10.93
CA SER A 176 10.07 -6.16 -10.75
C SER A 176 11.08 -6.42 -11.86
N THR A 177 11.05 -7.62 -12.41
CA THR A 177 11.96 -8.00 -13.49
C THR A 177 11.69 -7.24 -14.79
N HIS A 178 10.44 -6.81 -15.00
CA HIS A 178 10.04 -6.18 -16.26
C HIS A 178 9.63 -4.72 -16.15
N PHE A 179 9.34 -4.24 -14.95
CA PHE A 179 8.87 -2.87 -14.75
C PHE A 179 9.70 -2.11 -13.73
N GLU A 180 9.91 -0.82 -14.00
CA GLU A 180 10.65 0.04 -13.10
C GLU A 180 9.68 0.66 -12.10
N ALA A 181 10.04 0.60 -10.82
CA ALA A 181 9.20 1.19 -9.78
C ALA A 181 9.33 2.71 -9.81
N SER A 182 8.24 3.40 -9.47
CA SER A 182 8.26 4.86 -9.46
C SER A 182 9.02 5.35 -8.24
N LYS A 183 9.70 6.49 -8.41
CA LYS A 183 10.43 7.12 -7.31
C LYS A 183 9.56 8.10 -6.53
N LYS A 184 8.28 8.20 -6.90
CA LYS A 184 7.31 9.00 -6.14
C LYS A 184 7.21 8.43 -4.73
N MET A 185 7.39 9.28 -3.73
CA MET A 185 7.51 8.84 -2.33
C MET A 185 6.24 8.16 -1.82
N LYS A 186 5.09 8.61 -2.29
CA LYS A 186 3.82 7.94 -1.98
C LYS A 186 3.81 6.46 -2.40
N ASP A 187 4.59 6.14 -3.44
CA ASP A 187 4.73 4.76 -3.91
C ASP A 187 5.89 4.02 -3.22
N LYS A 188 7.02 4.68 -3.04
CA LYS A 188 8.19 4.05 -2.42
C LYS A 188 8.26 4.18 -0.88
N ILE A 189 7.18 4.67 -0.26
CA ILE A 189 7.08 4.73 1.21
C ILE A 189 7.03 3.31 1.78
N GLY A 190 7.78 3.08 2.85
CA GLY A 190 7.78 1.80 3.55
C GLY A 190 8.59 0.68 2.92
N THR A 191 9.24 0.94 1.79
CA THR A 191 9.93 -0.12 1.05
C THR A 191 11.33 -0.44 1.62
N ALA A 192 11.97 0.56 2.21
CA ALA A 192 13.37 0.44 2.65
C ALA A 192 13.61 -0.65 3.68
N TYR A 193 12.61 -0.96 4.50
CA TYR A 193 12.77 -1.91 5.60
C TYR A 193 13.10 -3.32 5.09
N TYR A 194 12.57 -3.67 3.92
CA TYR A 194 12.51 -5.09 3.50
C TYR A 194 13.47 -5.48 2.37
N ILE A 195 14.07 -4.47 1.73
CA ILE A 195 14.89 -4.71 0.56
CA ILE A 195 14.92 -4.68 0.56
C ILE A 195 16.27 -5.28 0.94
N ALA A 196 16.69 -6.32 0.22
CA ALA A 196 17.98 -6.96 0.51
C ALA A 196 19.15 -6.03 0.14
N PRO A 197 20.25 -6.10 0.88
CA PRO A 197 21.41 -5.25 0.60
C PRO A 197 21.97 -5.40 -0.82
N GLU A 198 21.95 -6.63 -1.33
CA GLU A 198 22.49 -6.91 -2.66
C GLU A 198 21.62 -6.27 -3.75
N VAL A 199 20.33 -6.06 -3.47
CA VAL A 199 19.44 -5.36 -4.41
C VAL A 199 19.88 -3.89 -4.52
N LEU A 200 20.24 -3.29 -3.39
CA LEU A 200 20.72 -1.90 -3.39
C LEU A 200 21.96 -1.72 -4.27
N HIS A 201 22.84 -2.71 -4.28
CA HIS A 201 24.11 -2.63 -4.99
C HIS A 201 24.04 -3.14 -6.43
N GLY A 202 22.97 -3.86 -6.79
CA GLY A 202 22.70 -4.17 -8.19
C GLY A 202 22.77 -5.63 -8.61
N THR A 203 23.51 -6.46 -7.88
CA THR A 203 23.64 -7.89 -8.20
C THR A 203 22.77 -8.70 -7.24
N TYR A 204 21.66 -9.23 -7.74
CA TYR A 204 20.78 -10.04 -6.90
C TYR A 204 20.16 -11.21 -7.64
N ASP A 205 19.66 -12.16 -6.86
CA ASP A 205 19.01 -13.36 -7.37
C ASP A 205 17.85 -13.70 -6.43
N GLU A 206 17.29 -14.90 -6.54
CA GLU A 206 16.16 -15.31 -5.72
C GLU A 206 16.38 -15.23 -4.19
N LYS A 207 17.64 -15.25 -3.74
CA LYS A 207 17.91 -15.16 -2.30
C LYS A 207 17.43 -13.85 -1.67
N CYS A 208 17.28 -12.79 -2.48
CA CYS A 208 16.80 -11.53 -1.95
C CYS A 208 15.41 -11.67 -1.33
N ASP A 209 14.61 -12.60 -1.83
CA ASP A 209 13.26 -12.86 -1.30
C ASP A 209 13.29 -13.51 0.07
N VAL A 210 14.34 -14.30 0.32
CA VAL A 210 14.52 -14.93 1.63
C VAL A 210 14.85 -13.87 2.68
N TRP A 211 15.71 -12.92 2.30
CA TRP A 211 16.03 -11.80 3.16
C TRP A 211 14.80 -11.00 3.54
N SER A 212 14.01 -10.60 2.55
CA SER A 212 12.79 -9.83 2.79
C SER A 212 11.85 -10.58 3.72
N THR A 213 11.74 -11.90 3.52
CA THR A 213 10.91 -12.73 4.38
C THR A 213 11.46 -12.80 5.80
N GLY A 214 12.77 -12.82 5.94
CA GLY A 214 13.42 -12.77 7.25
C GLY A 214 13.13 -11.49 8.00
N VAL A 215 13.11 -10.36 7.28
CA VAL A 215 12.76 -9.08 7.89
C VAL A 215 11.30 -9.10 8.38
N ILE A 216 10.43 -9.71 7.59
CA ILE A 216 9.03 -9.79 7.96
C ILE A 216 8.85 -10.67 9.19
N LEU A 217 9.59 -11.79 9.23
CA LEU A 217 9.57 -12.69 10.38
C LEU A 217 10.05 -11.99 11.65
N TYR A 218 11.15 -11.24 11.52
CA TYR A 218 11.68 -10.44 12.62
C TYR A 218 10.63 -9.48 13.18
N ILE A 219 9.89 -8.85 12.28
CA ILE A 219 8.85 -7.90 12.65
C ILE A 219 7.65 -8.59 13.33
N LEU A 220 7.28 -9.77 12.83
CA LEU A 220 6.19 -10.55 13.43
C LEU A 220 6.48 -10.91 14.88
N LEU A 221 7.74 -11.22 15.16
CA LEU A 221 8.15 -11.73 16.47
C LEU A 221 8.55 -10.64 17.46
N SER A 222 8.83 -9.43 16.96
CA SER A 222 9.25 -8.32 17.82
C SER A 222 8.40 -7.06 17.67
N GLY A 223 7.75 -6.89 16.52
CA GLY A 223 6.98 -5.68 16.22
C GLY A 223 7.83 -4.50 15.77
N CYS A 224 9.13 -4.73 15.57
CA CYS A 224 10.07 -3.68 15.19
C CYS A 224 10.90 -4.16 13.99
N PRO A 225 11.13 -3.29 13.01
CA PRO A 225 12.04 -3.66 11.93
C PRO A 225 13.47 -3.87 12.44
N PRO A 226 14.18 -4.86 11.91
CA PRO A 226 15.58 -5.08 12.31
C PRO A 226 16.48 -3.93 11.87
N PHE A 227 16.19 -3.37 10.71
CA PHE A 227 16.90 -2.18 10.22
C PHE A 227 15.90 -1.03 10.24
N ASN A 228 16.10 -0.13 11.21
CA ASN A 228 15.15 0.95 11.47
C ASN A 228 15.84 2.30 11.38
N GLY A 229 15.04 3.36 11.25
CA GLY A 229 15.62 4.69 11.10
C GLY A 229 14.60 5.78 10.89
N ALA A 230 15.05 7.02 11.00
CA ALA A 230 14.18 8.20 10.95
C ALA A 230 13.61 8.47 9.55
N ASN A 231 14.34 8.03 8.52
CA ASN A 231 13.96 8.29 7.14
C ASN A 231 14.51 7.22 6.20
N GLU A 232 14.18 7.31 4.91
CA GLU A 232 14.61 6.31 3.93
C GLU A 232 16.11 6.07 3.96
N TYR A 233 16.90 7.13 3.86
CA TYR A 233 18.35 6.96 3.77
C TYR A 233 18.95 6.33 5.02
N ASP A 234 18.43 6.69 6.20
CA ASP A 234 18.91 6.11 7.46
C ASP A 234 18.63 4.61 7.52
N ILE A 235 17.46 4.21 7.02
CA ILE A 235 17.08 2.80 7.02
C ILE A 235 17.97 2.03 6.03
N LEU A 236 18.09 2.56 4.82
CA LEU A 236 18.95 1.96 3.78
C LEU A 236 20.40 1.83 4.22
N LYS A 237 20.89 2.83 4.95
CA LYS A 237 22.25 2.79 5.47
C LYS A 237 22.43 1.62 6.45
N LYS A 238 21.41 1.33 7.26
CA LYS A 238 21.48 0.20 8.18
C LYS A 238 21.40 -1.14 7.45
N VAL A 239 20.54 -1.22 6.44
CA VAL A 239 20.40 -2.41 5.61
C VAL A 239 21.72 -2.74 4.90
N GLU A 240 22.37 -1.72 4.34
CA GLU A 240 23.63 -1.90 3.65
C GLU A 240 24.75 -2.42 4.56
N LYS A 241 24.84 -1.86 5.77
CA LYS A 241 25.80 -2.36 6.76
C LYS A 241 25.38 -3.77 7.21
N GLY A 242 24.07 -4.04 7.20
CA GLY A 242 23.57 -5.39 7.42
C GLY A 242 23.62 -5.91 8.85
N LYS A 243 23.90 -5.02 9.80
CA LYS A 243 24.00 -5.38 11.21
C LYS A 243 22.67 -5.14 11.91
N TYR A 244 22.28 -6.12 12.72
CA TYR A 244 21.04 -6.07 13.51
C TYR A 244 21.26 -6.94 14.74
N THR A 245 20.37 -6.79 15.72
CA THR A 245 20.50 -7.51 16.99
C THR A 245 19.15 -7.96 17.52
N PHE A 246 19.19 -8.84 18.52
CA PHE A 246 18.01 -9.24 19.26
C PHE A 246 18.05 -8.59 20.66
N GLU A 247 18.51 -7.33 20.72
CA GLU A 247 18.72 -6.64 22.00
C GLU A 247 17.43 -6.28 22.73
N LEU A 248 16.34 -6.11 21.99
CA LEU A 248 15.09 -5.61 22.57
C LEU A 248 14.51 -6.62 23.58
N PRO A 249 13.87 -6.13 24.64
CA PRO A 249 13.42 -7.02 25.73
C PRO A 249 12.50 -8.14 25.26
N GLN A 250 11.59 -7.84 24.33
CA GLN A 250 10.63 -8.83 23.84
C GLN A 250 11.26 -10.04 23.11
N TRP A 251 12.53 -9.96 22.74
CA TRP A 251 13.25 -11.11 22.18
C TRP A 251 13.54 -12.21 23.22
N LYS A 252 13.45 -11.85 24.51
CA LYS A 252 13.60 -12.84 25.58
C LYS A 252 12.45 -13.85 25.57
N LYS A 253 11.26 -13.40 25.20
CA LYS A 253 10.08 -14.28 25.08
C LYS A 253 10.11 -15.19 23.84
N VAL A 254 11.14 -15.04 23.00
CA VAL A 254 11.22 -15.77 21.73
C VAL A 254 12.23 -16.91 21.78
N SER A 255 11.87 -18.05 21.20
CA SER A 255 12.74 -19.23 21.15
C SER A 255 14.04 -18.98 20.39
N GLU A 256 15.08 -19.70 20.78
CA GLU A 256 16.37 -19.62 20.11
C GLU A 256 16.29 -20.14 18.67
N SER A 257 15.38 -21.09 18.45
CA SER A 257 15.14 -21.66 17.13
C SER A 257 14.60 -20.61 16.14
N ALA A 258 13.65 -19.79 16.59
CA ALA A 258 13.16 -18.70 15.76
C ALA A 258 14.31 -17.78 15.35
N LYS A 259 15.14 -17.42 16.32
CA LYS A 259 16.27 -16.51 16.11
C LYS A 259 17.31 -17.10 15.15
N ASP A 260 17.51 -18.41 15.24
CA ASP A 260 18.46 -19.11 14.38
C ASP A 260 18.04 -19.04 12.91
N LEU A 261 16.76 -19.29 12.64
CA LEU A 261 16.23 -19.17 11.28
C LEU A 261 16.44 -17.75 10.75
N ILE A 262 16.11 -16.75 11.58
CA ILE A 262 16.27 -15.36 11.20
C ILE A 262 17.72 -15.07 10.82
N ARG A 263 18.68 -15.58 11.58
CA ARG A 263 20.11 -15.37 11.28
C ARG A 263 20.50 -15.97 9.93
N LYS A 264 19.93 -17.13 9.61
CA LYS A 264 20.18 -17.77 8.32
C LYS A 264 19.51 -17.00 7.18
N MET A 265 18.32 -16.47 7.44
CA MET A 265 17.58 -15.72 6.43
C MET A 265 18.15 -14.32 6.24
N LEU A 266 18.70 -13.74 7.30
CA LEU A 266 19.35 -12.41 7.22
C LEU A 266 20.88 -12.49 7.12
N THR A 267 21.39 -13.60 6.59
CA THR A 267 22.81 -13.72 6.29
C THR A 267 23.15 -12.80 5.11
N TYR A 268 24.24 -12.05 5.25
CA TYR A 268 24.53 -10.96 4.33
C TYR A 268 24.89 -11.43 2.92
N VAL A 269 25.86 -12.32 2.80
CA VAL A 269 26.31 -12.78 1.49
C VAL A 269 25.30 -13.82 1.00
N PRO A 270 24.69 -13.57 -0.15
CA PRO A 270 23.53 -14.38 -0.57
C PRO A 270 23.80 -15.87 -0.77
N SER A 271 25.00 -16.21 -1.22
CA SER A 271 25.40 -17.62 -1.39
C SER A 271 25.46 -18.35 -0.06
N MET A 272 25.79 -17.62 1.02
CA MET A 272 25.77 -18.19 2.37
C MET A 272 24.37 -18.16 3.00
N ARG A 273 23.46 -17.38 2.42
CA ARG A 273 22.10 -17.25 2.95
C ARG A 273 21.31 -18.49 2.61
N ILE A 274 20.46 -18.91 3.55
CA ILE A 274 19.63 -20.09 3.36
C ILE A 274 18.61 -19.88 2.23
N SER A 275 18.28 -20.97 1.55
CA SER A 275 17.28 -20.93 0.48
C SER A 275 15.87 -20.96 1.08
N ALA A 276 14.89 -20.54 0.29
CA ALA A 276 13.49 -20.67 0.69
C ALA A 276 13.14 -22.13 0.95
N ARG A 277 13.63 -23.02 0.10
CA ARG A 277 13.36 -24.45 0.23
C ARG A 277 13.91 -25.00 1.53
N ASP A 278 15.17 -24.68 1.82
CA ASP A 278 15.81 -25.14 3.06
C ASP A 278 15.17 -24.49 4.27
N ALA A 279 14.73 -23.23 4.13
CA ALA A 279 14.04 -22.54 5.24
C ALA A 279 12.74 -23.26 5.63
N LEU A 280 12.06 -23.88 4.66
CA LEU A 280 10.87 -24.71 4.96
C LEU A 280 11.20 -25.92 5.83
N ASP A 281 12.43 -26.44 5.72
CA ASP A 281 12.88 -27.61 6.48
C ASP A 281 13.43 -27.26 7.86
N HIS A 282 13.49 -25.98 8.21
CA HIS A 282 14.07 -25.55 9.48
C HIS A 282 13.25 -26.03 10.68
N GLU A 283 13.96 -26.40 11.75
CA GLU A 283 13.35 -26.89 13.00
C GLU A 283 12.16 -26.06 13.47
N TRP A 284 12.34 -24.74 13.45
CA TRP A 284 11.31 -23.79 13.89
C TRP A 284 10.02 -23.92 13.09
N ILE A 285 10.15 -23.98 11.76
CA ILE A 285 8.99 -24.13 10.90
C ILE A 285 8.32 -25.49 11.14
N GLN A 286 9.13 -26.53 11.21
CA GLN A 286 8.64 -27.90 11.43
C GLN A 286 7.94 -28.03 12.79
N THR A 287 8.55 -27.42 13.81
CA THR A 287 8.05 -27.53 15.19
C THR A 287 6.80 -26.70 15.44
N TYR A 288 6.82 -25.43 15.02
CA TYR A 288 5.79 -24.48 15.42
C TYR A 288 4.57 -24.41 14.48
N THR A 289 4.60 -25.13 13.36
CA THR A 289 3.45 -25.16 12.44
C THR A 289 2.64 -26.44 12.55
N LYS A 290 2.93 -27.26 13.56
CA LYS A 290 2.12 -28.42 13.87
C LYS A 290 0.68 -27.97 14.13
N GLU A 291 -0.28 -28.69 13.54
CA GLU A 291 -1.69 -28.34 13.71
C GLU A 291 -2.11 -28.44 15.18
N GLN A 292 -1.53 -29.40 15.90
CA GLN A 292 -1.69 -29.49 17.34
C GLN A 292 -0.60 -28.68 18.03
N ILE A 293 -1.00 -27.56 18.65
CA ILE A 293 -0.06 -26.72 19.39
C ILE A 293 0.36 -27.45 20.67
N SER A 294 1.53 -28.08 20.64
CA SER A 294 2.05 -28.83 21.79
C SER A 294 3.03 -28.01 22.63
N VAL A 295 3.55 -26.93 22.05
CA VAL A 295 4.58 -26.11 22.71
C VAL A 295 3.93 -24.97 23.51
N ASP A 296 4.74 -24.30 24.33
CA ASP A 296 4.33 -23.10 25.05
C ASP A 296 3.85 -22.03 24.07
N VAL A 297 2.76 -21.35 24.43
CA VAL A 297 2.14 -20.37 23.55
C VAL A 297 2.02 -18.99 24.21
N PRO A 298 3.12 -18.47 24.77
CA PRO A 298 3.06 -17.15 25.38
C PRO A 298 2.75 -16.09 24.33
N SER A 299 1.69 -15.32 24.56
CA SER A 299 1.31 -14.28 23.63
C SER A 299 2.37 -13.18 23.64
N LEU A 300 2.80 -12.78 22.44
CA LEU A 300 3.87 -11.81 22.29
C LEU A 300 3.26 -10.41 22.38
N ASP A 301 2.85 -10.04 23.59
CA ASP A 301 2.04 -8.84 23.82
C ASP A 301 2.76 -7.56 23.44
N ASN A 302 4.03 -7.46 23.82
CA ASN A 302 4.85 -6.31 23.46
C ASN A 302 5.00 -6.19 21.93
N ALA A 303 5.15 -7.33 21.26
CA ALA A 303 5.25 -7.37 19.81
C ALA A 303 3.98 -6.87 19.13
N ILE A 304 2.81 -7.25 19.65
CA ILE A 304 1.54 -6.80 19.09
C ILE A 304 1.40 -5.28 19.22
N LEU A 305 1.74 -4.74 20.39
CA LEU A 305 1.66 -3.31 20.62
C LEU A 305 2.61 -2.57 19.69
N ASN A 306 3.83 -3.09 19.55
CA ASN A 306 4.81 -2.53 18.62
C ASN A 306 4.37 -2.60 17.18
N ILE A 307 3.81 -3.73 16.77
CA ILE A 307 3.35 -3.89 15.39
C ILE A 307 2.17 -2.96 15.07
N ARG A 308 1.32 -2.74 16.06
CA ARG A 308 0.22 -1.77 15.92
C ARG A 308 0.78 -0.39 15.72
N GLN A 309 1.74 -0.01 16.55
CA GLN A 309 2.42 1.26 16.40
C GLN A 309 3.09 1.36 15.02
N PHE A 310 3.73 0.26 14.61
CA PHE A 310 4.42 0.22 13.33
C PHE A 310 3.46 0.37 12.16
N GLN A 311 2.42 -0.46 12.14
CA GLN A 311 1.43 -0.39 11.08
C GLN A 311 0.78 0.99 11.04
N GLY A 312 0.31 1.44 12.21
CA GLY A 312 -0.31 2.76 12.35
C GLY A 312 0.54 3.87 11.77
N THR A 313 1.84 3.84 12.07
CA THR A 313 2.78 4.85 11.57
C THR A 313 2.90 4.79 10.04
N GLN A 314 3.08 3.59 9.51
CA GLN A 314 3.20 3.40 8.06
C GLN A 314 1.94 3.85 7.33
N LYS A 315 0.78 3.46 7.85
CA LYS A 315 -0.49 3.80 7.21
C LYS A 315 -0.80 5.29 7.29
N LEU A 316 -0.38 5.95 8.38
CA LEU A 316 -0.64 7.38 8.53
C LEU A 316 0.25 8.20 7.58
N ALA A 317 1.53 7.87 7.51
CA ALA A 317 2.46 8.50 6.56
C ALA A 317 1.98 8.30 5.12
N GLN A 318 1.55 7.08 4.81
CA GLN A 318 0.98 6.76 3.51
C GLN A 318 -0.28 7.58 3.24
N ALA A 319 -1.16 7.67 4.23
CA ALA A 319 -2.39 8.43 4.08
C ALA A 319 -2.10 9.92 3.91
N ALA A 320 -1.09 10.41 4.64
CA ALA A 320 -0.68 11.81 4.57
C ALA A 320 -0.26 12.18 3.15
N LEU A 321 0.62 11.39 2.56
CA LEU A 321 1.06 11.59 1.18
C LEU A 321 -0.08 11.46 0.16
N LEU A 322 -0.96 10.49 0.36
CA LEU A 322 -2.11 10.33 -0.55
C LEU A 322 -3.04 11.53 -0.47
N TYR A 323 -3.23 12.07 0.74
CA TYR A 323 -4.08 13.24 0.92
C TYR A 323 -3.53 14.46 0.18
N MET A 324 -2.22 14.65 0.28
CA MET A 324 -1.59 15.78 -0.39
C MET A 324 -1.65 15.60 -1.91
N GLY A 325 -1.41 14.38 -2.37
CA GLY A 325 -1.54 14.04 -3.79
C GLY A 325 -2.91 14.33 -4.35
N SER A 326 -3.94 13.89 -3.62
CA SER A 326 -5.33 14.13 -4.01
C SER A 326 -5.71 15.60 -3.98
N LYS A 327 -5.14 16.35 -3.04
CA LYS A 327 -5.41 17.79 -2.97
C LYS A 327 -4.85 18.51 -4.21
N LEU A 328 -3.64 18.14 -4.61
CA LEU A 328 -3.05 18.69 -5.83
C LEU A 328 -3.86 18.28 -7.06
N THR A 329 -4.20 17.00 -7.16
CA THR A 329 -5.01 16.49 -8.27
C THR A 329 -6.34 17.23 -8.40
N SER A 330 -7.02 17.44 -7.28
CA SER A 330 -8.31 18.14 -7.27
C SER A 330 -8.19 19.63 -7.58
N GLN A 331 -7.02 20.22 -7.32
CA GLN A 331 -6.77 21.62 -7.69
C GLN A 331 -6.77 21.75 -9.21
N ASP A 332 -6.06 20.85 -9.88
CA ASP A 332 -5.99 20.81 -11.33
C ASP A 332 -7.37 20.62 -11.94
N GLU A 333 -8.02 19.52 -11.54
CA GLU A 333 -9.32 19.16 -12.09
C GLU A 333 -10.40 20.22 -11.84
N THR A 334 -10.26 20.97 -10.74
CA THR A 334 -11.16 22.09 -10.47
C THR A 334 -11.03 23.18 -11.53
N LYS A 335 -9.79 23.48 -11.92
CA LYS A 335 -9.51 24.47 -12.97
C LYS A 335 -9.95 23.96 -14.34
N GLU A 336 -9.65 22.69 -14.63
CA GLU A 336 -10.01 22.08 -15.91
C GLU A 336 -11.53 21.99 -16.10
N LEU A 337 -12.23 21.49 -15.09
CA LEU A 337 -13.69 21.35 -15.16
C LEU A 337 -14.37 22.71 -15.30
N THR A 338 -13.85 23.73 -14.60
CA THR A 338 -14.37 25.09 -14.72
C THR A 338 -14.26 25.59 -16.16
N ALA A 339 -13.10 25.37 -16.78
CA ALA A 339 -12.85 25.77 -18.17
C ALA A 339 -13.76 25.02 -19.14
N ILE A 340 -13.93 23.73 -18.91
CA ILE A 340 -14.81 22.89 -19.75
C ILE A 340 -16.22 23.47 -19.78
N PHE A 341 -16.80 23.67 -18.58
CA PHE A 341 -18.13 24.27 -18.47
C PHE A 341 -18.19 25.69 -19.04
N HIS A 342 -17.13 26.47 -18.85
CA HIS A 342 -17.04 27.80 -19.43
C HIS A 342 -17.26 27.77 -20.95
N LYS A 343 -16.59 26.84 -21.63
CA LYS A 343 -16.76 26.65 -23.08
C LYS A 343 -18.21 26.32 -23.43
N MET A 344 -18.82 25.42 -22.65
CA MET A 344 -20.22 25.04 -22.84
C MET A 344 -21.18 26.18 -22.53
N ASP A 345 -20.76 27.11 -21.66
CA ASP A 345 -21.59 28.24 -21.29
C ASP A 345 -21.60 29.31 -22.39
N LYS A 346 -22.31 29.01 -23.47
CA LYS A 346 -22.42 29.93 -24.58
C LYS A 346 -23.38 31.07 -24.24
N ASN A 347 -24.31 30.81 -23.32
CA ASN A 347 -25.16 31.85 -22.75
C ASN A 347 -24.38 32.87 -21.92
N GLY A 348 -23.33 32.40 -21.24
CA GLY A 348 -22.58 33.22 -20.30
C GLY A 348 -23.33 33.51 -19.00
N ASP A 349 -24.35 32.70 -18.70
CA ASP A 349 -25.19 32.90 -17.52
C ASP A 349 -24.78 32.04 -16.33
N GLY A 350 -23.75 31.20 -16.53
CA GLY A 350 -23.20 30.38 -15.46
C GLY A 350 -24.03 29.17 -15.06
N GLN A 351 -25.09 28.89 -15.82
CA GLN A 351 -26.03 27.83 -15.47
C GLN A 351 -26.13 26.78 -16.58
N LEU A 352 -26.15 25.51 -16.19
CA LEU A 352 -26.28 24.40 -17.14
C LEU A 352 -27.34 23.40 -16.64
N ASP A 353 -27.84 22.57 -17.55
CA ASP A 353 -28.79 21.52 -17.17
C ASP A 353 -28.05 20.20 -16.90
N ARG A 354 -28.78 19.22 -16.41
CA ARG A 354 -28.24 17.89 -16.11
C ARG A 354 -27.42 17.31 -17.25
N ALA A 355 -27.97 17.35 -18.46
CA ALA A 355 -27.30 16.81 -19.64
C ALA A 355 -25.91 17.41 -19.83
N GLU A 356 -25.85 18.74 -19.85
CA GLU A 356 -24.60 19.46 -20.09
C GLU A 356 -23.55 19.19 -19.01
N LEU A 357 -23.99 19.11 -17.75
CA LEU A 357 -23.10 18.78 -16.63
C LEU A 357 -22.47 17.40 -16.79
N ILE A 358 -23.25 16.44 -17.31
CA ILE A 358 -22.74 15.08 -17.57
C ILE A 358 -21.70 15.08 -18.69
N GLU A 359 -22.00 15.78 -19.78
CA GLU A 359 -21.07 15.89 -20.92
C GLU A 359 -19.73 16.46 -20.46
N GLY A 360 -19.80 17.56 -19.71
CA GLY A 360 -18.59 18.22 -19.20
C GLY A 360 -17.79 17.36 -18.24
N TYR A 361 -18.49 16.60 -17.41
CA TYR A 361 -17.83 15.67 -16.47
C TYR A 361 -17.10 14.56 -17.23
N LYS A 362 -17.71 14.08 -18.31
CA LYS A 362 -17.07 13.12 -19.21
C LYS A 362 -15.93 13.77 -20.01
N GLU A 363 -16.12 15.02 -20.40
CA GLU A 363 -15.08 15.77 -21.13
C GLU A 363 -13.80 15.90 -20.31
N LEU A 364 -13.96 16.08 -18.99
CA LEU A 364 -12.82 16.09 -18.06
C LEU A 364 -12.22 14.69 -17.91
N MET A 365 -13.10 13.69 -17.87
CA MET A 365 -12.67 12.29 -17.75
C MET A 365 -11.81 11.85 -18.93
N ARG A 366 -12.19 12.28 -20.13
CA ARG A 366 -11.39 12.03 -21.33
C ARG A 366 -10.04 12.76 -21.24
N MET A 367 -10.06 13.97 -20.68
CA MET A 367 -8.85 14.74 -20.45
C MET A 367 -8.04 14.15 -19.30
N ALA A 379 -22.77 5.44 -14.91
CA ALA A 379 -21.96 5.74 -13.74
C ALA A 379 -21.80 7.24 -13.57
N VAL A 380 -21.38 7.90 -14.65
CA VAL A 380 -21.22 9.35 -14.65
C VAL A 380 -22.55 10.06 -14.37
N GLU A 381 -23.63 9.54 -14.96
CA GLU A 381 -24.98 10.05 -14.71
C GLU A 381 -25.33 10.05 -13.23
N HIS A 382 -25.04 8.94 -12.54
CA HIS A 382 -25.34 8.80 -11.12
C HIS A 382 -24.50 9.73 -10.23
N GLU A 383 -23.21 9.88 -10.55
CA GLU A 383 -22.33 10.76 -9.77
C GLU A 383 -22.79 12.21 -9.85
N VAL A 384 -23.15 12.66 -11.05
CA VAL A 384 -23.72 14.00 -11.24
C VAL A 384 -24.99 14.18 -10.39
N ASP A 385 -25.85 13.16 -10.37
CA ASP A 385 -27.11 13.22 -9.60
C ASP A 385 -26.89 13.33 -8.09
N GLN A 386 -25.83 12.72 -7.59
CA GLN A 386 -25.48 12.86 -6.17
C GLN A 386 -25.08 14.30 -5.86
N VAL A 387 -24.39 14.93 -6.81
CA VAL A 387 -24.01 16.33 -6.68
C VAL A 387 -25.25 17.23 -6.76
N LEU A 388 -26.11 16.97 -7.75
CA LEU A 388 -27.35 17.74 -7.95
C LEU A 388 -28.32 17.60 -6.77
N ASP A 389 -28.24 16.47 -6.06
CA ASP A 389 -29.06 16.26 -4.87
C ASP A 389 -28.80 17.36 -3.82
N ALA A 390 -27.51 17.63 -3.57
CA ALA A 390 -27.12 18.67 -2.62
C ALA A 390 -27.39 20.07 -3.16
N VAL A 391 -27.07 20.30 -4.43
CA VAL A 391 -27.22 21.62 -5.05
C VAL A 391 -28.70 21.99 -5.23
N ASP A 392 -29.42 21.23 -6.05
CA ASP A 392 -30.84 21.48 -6.30
C ASP A 392 -31.66 20.20 -6.10
N PHE A 393 -32.05 19.95 -4.85
CA PHE A 393 -32.80 18.73 -4.50
C PHE A 393 -34.04 18.54 -5.39
N ASP A 394 -34.79 19.60 -5.61
CA ASP A 394 -35.98 19.54 -6.45
C ASP A 394 -35.66 19.26 -7.92
N LYS A 395 -34.50 19.74 -8.38
CA LYS A 395 -34.10 19.64 -9.79
C LYS A 395 -35.10 20.36 -10.71
N ASN A 396 -35.54 21.55 -10.27
CA ASN A 396 -36.57 22.31 -10.96
C ASN A 396 -36.09 23.04 -12.20
N GLY A 397 -34.78 23.25 -12.30
CA GLY A 397 -34.23 23.98 -13.43
C GLY A 397 -32.75 23.79 -13.65
N TYR A 398 -32.03 24.90 -13.79
CA TYR A 398 -30.62 24.88 -14.16
C TYR A 398 -29.72 25.00 -12.94
N ILE A 399 -28.48 24.59 -13.11
CA ILE A 399 -27.52 24.48 -12.03
C ILE A 399 -26.35 25.41 -12.23
N GLU A 400 -26.08 26.25 -11.23
CA GLU A 400 -24.87 27.05 -11.19
C GLU A 400 -23.68 26.09 -11.30
N TYR A 401 -23.01 26.07 -12.45
CA TYR A 401 -21.93 25.09 -12.65
C TYR A 401 -20.75 25.29 -11.69
N SER A 402 -20.55 26.53 -11.21
CA SER A 402 -19.55 26.80 -10.18
C SER A 402 -19.91 26.08 -8.87
N GLU A 403 -21.19 26.12 -8.50
CA GLU A 403 -21.66 25.38 -7.33
C GLU A 403 -21.43 23.88 -7.51
N PHE A 404 -21.66 23.39 -8.72
CA PHE A 404 -21.47 21.99 -9.06
C PHE A 404 -20.02 21.54 -8.93
N VAL A 405 -19.11 22.31 -9.53
CA VAL A 405 -17.69 21.97 -9.53
C VAL A 405 -17.17 21.72 -8.12
N THR A 406 -17.48 22.64 -7.21
CA THR A 406 -17.10 22.52 -5.81
C THR A 406 -17.51 21.18 -5.21
N VAL A 407 -18.81 20.90 -5.19
CA VAL A 407 -19.34 19.67 -4.59
C VAL A 407 -18.79 18.44 -5.31
N ALA A 408 -18.69 18.51 -6.64
CA ALA A 408 -18.15 17.41 -7.43
C ALA A 408 -16.74 17.06 -6.99
N MET A 409 -15.87 18.08 -6.95
CA MET A 409 -14.47 17.89 -6.60
C MET A 409 -14.28 17.65 -5.11
N ASP A 410 -15.14 18.26 -4.29
CA ASP A 410 -15.07 18.12 -2.85
C ASP A 410 -15.29 16.67 -2.44
N ARG A 411 -16.37 16.07 -2.93
CA ARG A 411 -16.71 14.70 -2.57
C ARG A 411 -15.80 13.66 -3.24
N LYS A 412 -15.11 14.04 -4.32
CA LYS A 412 -14.15 13.14 -4.97
C LYS A 412 -12.89 12.97 -4.13
N THR A 413 -12.59 13.96 -3.29
CA THR A 413 -11.48 13.89 -2.35
C THR A 413 -11.89 13.33 -0.98
N LEU A 414 -13.14 12.91 -0.85
CA LEU A 414 -13.67 12.38 0.41
C LEU A 414 -12.89 11.17 0.88
N LEU A 415 -12.73 10.19 -0.02
CA LEU A 415 -12.02 8.95 0.31
C LEU A 415 -10.68 9.21 0.98
N SER A 416 -9.88 10.11 0.38
CA SER A 416 -8.56 10.46 0.92
C SER A 416 -8.65 11.19 2.27
N ARG A 417 -9.59 12.12 2.41
CA ARG A 417 -9.79 12.87 3.67
C ARG A 417 -10.26 11.97 4.80
N GLU A 418 -11.20 11.08 4.49
CA GLU A 418 -11.75 10.13 5.47
C GLU A 418 -10.71 9.09 5.85
N ARG A 419 -9.93 8.64 4.86
CA ARG A 419 -8.87 7.68 5.09
C ARG A 419 -7.75 8.30 5.92
N LEU A 420 -7.49 9.60 5.71
CA LEU A 420 -6.51 10.32 6.52
C LEU A 420 -6.98 10.36 7.97
N GLU A 421 -8.23 10.75 8.18
CA GLU A 421 -8.79 10.85 9.54
C GLU A 421 -8.78 9.49 10.22
N ARG A 422 -9.25 8.45 9.53
CA ARG A 422 -9.22 7.09 10.05
CA ARG A 422 -9.22 7.09 10.06
C ARG A 422 -7.80 6.68 10.47
N ALA A 423 -6.81 7.03 9.64
CA ALA A 423 -5.42 6.68 9.94
C ALA A 423 -4.91 7.45 11.15
N PHE A 424 -5.27 8.73 11.25
CA PHE A 424 -4.95 9.54 12.43
C PHE A 424 -5.52 8.90 13.69
N ARG A 425 -6.82 8.56 13.64
CA ARG A 425 -7.51 7.99 14.79
C ARG A 425 -6.90 6.66 15.21
N MET A 426 -6.56 5.83 14.21
CA MET A 426 -5.95 4.54 14.49
C MET A 426 -4.55 4.69 15.09
N PHE A 427 -3.76 5.63 14.58
CA PHE A 427 -2.42 5.94 15.12
C PHE A 427 -2.51 6.45 16.57
N ASP A 428 -3.56 7.22 16.85
CA ASP A 428 -3.81 7.77 18.18
C ASP A 428 -4.47 6.73 19.08
N SER A 429 -3.69 5.71 19.46
CA SER A 429 -4.23 4.51 20.12
C SER A 429 -4.82 4.75 21.51
N ASP A 430 -4.31 5.76 22.22
CA ASP A 430 -4.86 6.12 23.54
CA ASP A 430 -4.85 6.13 23.53
C ASP A 430 -6.00 7.15 23.44
N ASN A 431 -6.41 7.49 22.21
CA ASN A 431 -7.49 8.44 22.00
C ASN A 431 -7.23 9.79 22.69
N SER A 432 -5.98 10.24 22.63
CA SER A 432 -5.60 11.54 23.17
C SER A 432 -6.12 12.68 22.30
N GLY A 433 -6.34 12.40 21.02
CA GLY A 433 -6.70 13.44 20.05
C GLY A 433 -5.51 14.22 19.52
N LYS A 434 -4.32 13.91 20.02
CA LYS A 434 -3.12 14.64 19.65
C LYS A 434 -2.01 13.71 19.16
N ILE A 435 -1.16 14.24 18.30
CA ILE A 435 0.09 13.59 17.92
C ILE A 435 1.24 14.51 18.37
N SER A 436 2.26 13.93 19.00
CA SER A 436 3.39 14.68 19.54
C SER A 436 4.44 15.01 18.47
N SER A 437 5.36 15.90 18.81
CA SER A 437 6.44 16.31 17.91
C SER A 437 7.39 15.18 17.56
N THR A 438 7.65 14.30 18.53
CA THR A 438 8.41 13.07 18.30
C THR A 438 7.70 12.19 17.27
N GLU A 439 6.38 12.06 17.41
CA GLU A 439 5.58 11.27 16.47
C GLU A 439 5.53 11.93 15.11
N LEU A 440 5.36 13.25 15.08
CA LEU A 440 5.41 14.00 13.81
C LEU A 440 6.74 13.76 13.10
N ALA A 441 7.83 13.75 13.87
CA ALA A 441 9.17 13.56 13.32
C ALA A 441 9.28 12.19 12.64
N THR A 442 8.74 11.16 13.29
CA THR A 442 8.68 9.82 12.71
C THR A 442 7.82 9.77 11.46
N ILE A 443 6.63 10.37 11.53
CA ILE A 443 5.68 10.30 10.43
C ILE A 443 6.20 11.04 9.20
N PHE A 444 6.76 12.23 9.41
CA PHE A 444 7.29 13.03 8.31
C PHE A 444 8.61 12.49 7.77
N GLY A 445 9.43 11.91 8.64
CA GLY A 445 10.66 11.25 8.21
C GLY A 445 10.37 10.10 7.27
N VAL A 446 9.45 9.24 7.67
CA VAL A 446 8.95 8.15 6.82
C VAL A 446 8.37 8.70 5.51
N SER A 447 7.71 9.86 5.59
CA SER A 447 7.11 10.51 4.43
C SER A 447 8.09 11.32 3.58
N ASP A 448 9.33 11.46 4.05
CA ASP A 448 10.34 12.31 3.39
C ASP A 448 9.92 13.78 3.28
N VAL A 449 9.33 14.30 4.36
CA VAL A 449 9.11 15.73 4.49
C VAL A 449 10.21 16.28 5.38
N ASP A 450 10.89 17.30 4.90
CA ASP A 450 12.06 17.85 5.56
C ASP A 450 11.74 18.35 6.97
N SER A 451 12.61 18.03 7.92
CA SER A 451 12.43 18.41 9.33
C SER A 451 12.13 19.89 9.50
N GLU A 452 13.01 20.74 8.95
CA GLU A 452 12.86 22.19 9.09
C GLU A 452 11.63 22.72 8.36
N THR A 453 11.25 22.03 7.29
CA THR A 453 10.09 22.42 6.48
C THR A 453 8.78 22.21 7.27
N TRP A 454 8.56 21.03 7.83
CA TRP A 454 7.30 20.79 8.55
C TRP A 454 7.21 21.57 9.87
N LYS A 455 8.35 21.74 10.56
CA LYS A 455 8.39 22.56 11.77
C LYS A 455 7.99 24.00 11.47
N SER A 456 8.51 24.54 10.37
CA SER A 456 8.16 25.87 9.89
C SER A 456 6.66 25.96 9.59
N VAL A 457 6.14 24.93 8.92
CA VAL A 457 4.72 24.86 8.58
C VAL A 457 3.85 24.82 9.84
N LEU A 458 4.29 24.04 10.82
CA LEU A 458 3.61 23.96 12.11
C LEU A 458 3.54 25.34 12.78
N SER A 459 4.68 26.03 12.80
CA SER A 459 4.76 27.36 13.39
C SER A 459 3.72 28.31 12.78
N GLU A 460 3.51 28.21 11.48
CA GLU A 460 2.56 29.08 10.78
C GLU A 460 1.10 28.73 11.11
N VAL A 461 0.80 27.44 11.24
CA VAL A 461 -0.54 27.01 11.59
C VAL A 461 -0.88 27.42 13.02
N ASP A 462 0.01 27.11 13.96
CA ASP A 462 -0.20 27.39 15.37
C ASP A 462 1.09 27.86 16.06
N LYS A 463 1.20 29.17 16.28
CA LYS A 463 2.40 29.72 16.90
C LYS A 463 2.64 29.16 18.31
N ASN A 464 1.56 28.88 19.03
N ASN A 464 1.56 28.97 19.06
CA ASN A 464 1.64 28.24 20.35
CA ASN A 464 1.65 28.56 20.46
C ASN A 464 1.17 26.78 20.31
C ASN A 464 1.55 27.05 20.64
N ASN A 465 1.80 25.97 19.47
N ASN A 465 1.72 26.30 19.56
CA ASN A 465 1.38 24.58 19.29
CA ASN A 465 1.70 24.85 19.66
C ASN A 465 1.77 23.66 20.45
C ASN A 465 2.66 24.41 20.77
N ASP A 466 2.78 24.08 21.22
N ASP A 466 2.24 23.39 21.51
CA ASP A 466 3.17 23.36 22.43
CA ASP A 466 2.99 22.93 22.66
C ASP A 466 3.63 21.93 22.15
C ASP A 466 3.78 21.68 22.31
N GLY A 467 4.25 21.71 21.00
N GLY A 467 4.22 21.60 21.06
CA GLY A 467 4.83 20.42 20.66
CA GLY A 467 4.86 20.40 20.57
C GLY A 467 3.85 19.27 20.43
C GLY A 467 3.88 19.26 20.36
N GLU A 468 2.65 19.60 19.97
CA GLU A 468 1.64 18.59 19.64
C GLU A 468 0.56 19.20 18.77
N VAL A 469 -0.11 18.36 17.98
CA VAL A 469 -1.14 18.83 17.08
C VAL A 469 -2.37 17.92 17.17
N ASP A 470 -3.56 18.51 17.02
CA ASP A 470 -4.76 17.73 16.81
C ASP A 470 -4.92 17.41 15.32
N PHE A 471 -5.99 16.71 14.98
CA PHE A 471 -6.19 16.29 13.60
C PHE A 471 -6.27 17.49 12.66
N ASP A 472 -7.07 18.48 13.04
CA ASP A 472 -7.27 19.65 12.21
C ASP A 472 -5.95 20.34 11.90
N GLU A 473 -5.11 20.49 12.92
CA GLU A 473 -3.81 21.13 12.75
C GLU A 473 -2.89 20.28 11.86
N PHE A 474 -2.90 18.97 12.07
CA PHE A 474 -2.15 18.06 11.21
C PHE A 474 -2.58 18.26 9.75
N GLN A 475 -3.88 18.23 9.51
CA GLN A 475 -4.44 18.45 8.16
C GLN A 475 -4.01 19.80 7.58
N GLN A 476 -4.10 20.86 8.39
CA GLN A 476 -3.64 22.18 7.97
C GLN A 476 -2.17 22.13 7.55
N MET A 477 -1.34 21.42 8.33
CA MET A 477 0.07 21.24 7.98
C MET A 477 0.26 20.59 6.61
N LEU A 478 -0.43 19.48 6.39
CA LEU A 478 -0.38 18.79 5.11
C LEU A 478 -0.76 19.71 3.95
N LEU A 479 -1.77 20.56 4.14
CA LEU A 479 -2.20 21.49 3.09
C LEU A 479 -1.12 22.49 2.75
N LYS A 480 -0.50 23.06 3.78
CA LYS A 480 0.62 23.99 3.57
C LYS A 480 1.85 23.30 2.97
N LEU A 481 1.97 22.00 3.19
CA LEU A 481 3.08 21.21 2.63
C LEU A 481 2.88 20.83 1.16
N CYS A 482 1.72 21.13 0.60
CA CYS A 482 1.48 20.96 -0.83
C CYS A 482 0.93 22.24 -1.47
N GLY A 483 1.47 23.38 -1.03
CA GLY A 483 1.20 24.66 -1.69
C GLY A 483 -0.15 25.31 -1.41
N ASN A 484 -0.84 24.84 -0.38
CA ASN A 484 -2.12 25.42 0.04
C ASN A 484 -1.99 26.04 1.43
N1 BK5 B . -7.03 -8.70 -4.80
C2 BK5 B . -7.46 -7.78 -3.93
N3 BK5 B . -6.86 -6.61 -3.82
C4 BK5 B . -5.79 -6.31 -4.59
C5 BK5 B . -5.31 -7.23 -5.51
C6 BK5 B . -5.98 -8.46 -5.61
CAA BK5 B . 1.60 -10.61 -12.98
CAB BK5 B . -4.77 -2.77 -4.58
CAC BK5 B . -4.44 -4.21 -2.54
NAD BK5 B . -5.61 -9.43 -6.45
CAE BK5 B . -2.66 -9.09 -11.47
CAF BK5 B . -2.02 -6.97 -6.96
CAG BK5 B . -3.52 -8.61 -10.48
CAH BK5 B . -1.15 -7.43 -7.95
CAJ BK5 B . -0.78 -8.45 -10.11
CAK BK5 B . -3.90 -7.60 -8.31
CAL BK5 B . 0.84 -9.96 -11.81
NAO BK5 B . -4.13 -5.36 -5.54
OAP BK5 B . -0.45 -9.47 -12.25
CAQ BK5 B . -1.27 -9.01 -11.27
CAR BK5 B . -3.40 -7.06 -7.12
CAT BK5 B . -4.23 -6.56 -6.12
CAU BK5 B . -1.65 -7.99 -9.12
CAV BK5 B . -3.03 -8.06 -9.31
CAY BK5 B . -5.22 -4.04 -3.85
NAZ BK5 B . -5.02 -5.23 -4.68
S DMS C . 22.86 -11.40 15.16
O DMS C . 23.15 -13.00 15.94
C1 DMS C . 21.45 -10.64 15.99
C2 DMS C . 24.17 -10.24 15.60
C1 EDO D . 10.52 4.81 4.43
O1 EDO D . 9.88 5.78 3.61
C2 EDO D . 11.52 4.02 3.60
O2 EDO D . 10.87 3.32 2.53
#